data_8TA0
#
_entry.id   8TA0
#
_cell.length_a   28.631
_cell.length_b   66.290
_cell.length_c   44.030
_cell.angle_alpha   90.00
_cell.angle_beta   91.29
_cell.angle_gamma   90.00
#
_symmetry.space_group_name_H-M   'P 1 21 1'
#
loop_
_entity.id
_entity.type
_entity.pdbx_description
1 polymer 'Dihydrofolate reductase'
2 non-polymer '3-[2-(3-{[(6M)-2,4-diamino-6-(3-methoxyphenyl)pyrimidin-5-yl]oxy}propoxy)phenyl]propanoic acid'
3 non-polymer 'NADP NICOTINAMIDE-ADENINE-DINUCLEOTIDE PHOSPHATE'
4 water water
#
_entity_poly.entity_id   1
_entity_poly.type   'polypeptide(L)'
_entity_poly.pdbx_seq_one_letter_code
;MAHHHHHHMTSVGLIWAQSTSGVIGRDGGIPWRLPEDLAHFKRLTMGHTVVMGRRTWDSLPAAHRPLPGRRNVVVTRQTG
LVAHGAQVVGSLEQALSPAEPDAATWVIGGAQIYALALPLANRCEVTEVDVDLPPEDEDALAPVLDQTWAGTSGEWLVSR
SGLRYRMHSYRRL
;
_entity_poly.pdbx_strand_id   A
#
# COMPACT_ATOMS: atom_id res chain seq x y z
N SER A 11 14.13 6.85 2.61
CA SER A 11 12.96 7.48 3.19
C SER A 11 11.69 6.64 2.93
N VAL A 12 10.88 6.46 3.98
CA VAL A 12 9.79 5.47 4.00
C VAL A 12 8.46 6.15 3.73
N GLY A 13 7.74 5.66 2.73
CA GLY A 13 6.41 6.13 2.44
C GLY A 13 5.42 4.98 2.39
N LEU A 14 4.17 5.32 2.65
CA LEU A 14 3.04 4.41 2.55
C LEU A 14 2.26 4.81 1.32
N ILE A 15 1.68 3.83 0.66
CA ILE A 15 0.84 4.10 -0.50
C ILE A 15 -0.31 3.10 -0.44
N TRP A 16 -1.54 3.63 -0.56
CA TRP A 16 -2.73 2.81 -0.49
C TRP A 16 -3.87 3.52 -1.21
N ALA A 17 -4.86 2.71 -1.59
CA ALA A 17 -6.13 3.19 -2.11
C ALA A 17 -7.24 2.77 -1.15
N GLN A 18 -8.15 3.70 -0.82
CA GLN A 18 -9.27 3.39 0.08
C GLN A 18 -10.57 3.94 -0.49
N SER A 19 -11.67 3.29 -0.13
CA SER A 19 -12.96 3.91 -0.29
C SER A 19 -13.08 5.06 0.71
N THR A 20 -14.02 5.97 0.44
CA THR A 20 -14.27 7.02 1.41
CA THR A 20 -14.32 7.03 1.40
C THR A 20 -14.60 6.45 2.78
N SER A 21 -15.29 5.32 2.83
CA SER A 21 -15.60 4.69 4.12
C SER A 21 -14.38 4.11 4.82
N GLY A 22 -13.23 4.05 4.16
CA GLY A 22 -12.03 3.53 4.78
C GLY A 22 -11.69 2.08 4.51
N VAL A 23 -12.40 1.42 3.59
CA VAL A 23 -12.08 0.03 3.21
C VAL A 23 -10.94 0.02 2.21
N ILE A 24 -9.94 -0.86 2.45
CA ILE A 24 -8.90 -1.16 1.46
C ILE A 24 -8.95 -2.59 0.95
N GLY A 25 -9.52 -3.53 1.69
CA GLY A 25 -9.48 -4.91 1.24
C GLY A 25 -10.67 -5.70 1.76
N ARG A 26 -11.03 -6.72 0.99
CA ARG A 26 -12.15 -7.58 1.29
C ARG A 26 -11.94 -8.87 0.50
N ASP A 27 -12.18 -10.00 1.16
CA ASP A 27 -12.20 -11.33 0.51
C ASP A 27 -10.87 -11.64 -0.17
N GLY A 28 -9.78 -11.23 0.46
CA GLY A 28 -8.45 -11.50 -0.06
C GLY A 28 -8.06 -10.66 -1.25
N GLY A 29 -8.81 -9.60 -1.54
CA GLY A 29 -8.50 -8.71 -2.65
C GLY A 29 -8.94 -7.28 -2.39
N ILE A 30 -9.19 -6.52 -3.45
CA ILE A 30 -9.59 -5.13 -3.36
C ILE A 30 -10.97 -5.02 -3.99
N PRO A 31 -11.98 -4.51 -3.27
CA PRO A 31 -13.37 -4.63 -3.73
C PRO A 31 -13.84 -3.53 -4.70
N TRP A 32 -12.98 -3.16 -5.63
CA TRP A 32 -13.36 -2.26 -6.71
C TRP A 32 -12.29 -2.40 -7.79
N ARG A 33 -12.56 -1.79 -8.93
CA ARG A 33 -11.60 -1.74 -10.03
C ARG A 33 -11.32 -0.29 -10.34
N LEU A 34 -10.04 0.07 -10.41
CA LEU A 34 -9.65 1.46 -10.68
C LEU A 34 -8.32 1.47 -11.40
N PRO A 35 -8.34 1.30 -12.72
CA PRO A 35 -7.07 1.18 -13.47
C PRO A 35 -6.15 2.38 -13.36
N GLU A 36 -6.70 3.59 -13.33
CA GLU A 36 -5.88 4.78 -13.17
C GLU A 36 -5.08 4.71 -11.87
N ASP A 37 -5.62 4.04 -10.85
CA ASP A 37 -4.89 3.98 -9.59
C ASP A 37 -3.83 2.91 -9.60
N LEU A 38 -4.12 1.76 -10.20
CA LEU A 38 -3.08 0.76 -10.45
C LEU A 38 -1.93 1.36 -11.25
N ALA A 39 -2.22 2.19 -12.24
CA ALA A 39 -1.15 2.81 -13.02
C ALA A 39 -0.37 3.81 -12.18
N HIS A 40 -1.09 4.57 -11.36
CA HIS A 40 -0.46 5.47 -10.39
C HIS A 40 0.49 4.72 -9.47
N PHE A 41 0.05 3.58 -8.95
CA PHE A 41 0.86 2.76 -8.07
C PHE A 41 2.11 2.25 -8.78
N LYS A 42 1.93 1.67 -9.97
CA LYS A 42 3.08 1.18 -10.76
C LYS A 42 4.11 2.27 -11.01
N ARG A 43 3.64 3.46 -11.38
CA ARG A 43 4.55 4.54 -11.75
C ARG A 43 5.33 5.07 -10.54
N LEU A 44 4.68 5.17 -9.38
CA LEU A 44 5.35 5.67 -8.20
C LEU A 44 6.35 4.65 -7.66
N THR A 45 6.06 3.36 -7.79
CA THR A 45 6.88 2.37 -7.11
C THR A 45 7.93 1.74 -8.00
N MET A 46 7.79 1.86 -9.33
CA MET A 46 8.71 1.18 -10.24
C MET A 46 10.15 1.57 -9.94
N GLY A 47 11.03 0.57 -9.96
CA GLY A 47 12.43 0.78 -9.67
C GLY A 47 12.79 0.93 -8.22
N HIS A 48 11.85 0.72 -7.32
CA HIS A 48 12.12 0.92 -5.91
C HIS A 48 11.70 -0.32 -5.14
N THR A 49 11.91 -0.25 -3.82
CA THR A 49 11.58 -1.34 -2.91
C THR A 49 10.11 -1.22 -2.47
N VAL A 50 9.40 -2.34 -2.51
CA VAL A 50 8.03 -2.41 -2.03
C VAL A 50 8.00 -3.43 -0.90
N VAL A 51 7.56 -2.98 0.26
CA VAL A 51 7.40 -3.77 1.47
C VAL A 51 5.92 -4.07 1.69
N MET A 52 5.60 -5.34 1.93
CA MET A 52 4.23 -5.77 2.10
C MET A 52 4.12 -6.86 3.17
N GLY A 53 2.91 -6.97 3.76
CA GLY A 53 2.61 -8.10 4.60
C GLY A 53 2.34 -9.36 3.79
N ARG A 54 2.46 -10.50 4.47
CA ARG A 54 2.31 -11.79 3.80
C ARG A 54 0.96 -11.92 3.13
N ARG A 55 -0.11 -11.42 3.76
CA ARG A 55 -1.43 -11.57 3.17
C ARG A 55 -1.55 -10.74 1.89
N THR A 56 -0.89 -9.58 1.85
CA THR A 56 -0.87 -8.82 0.61
C THR A 56 -0.04 -9.51 -0.48
N TRP A 57 1.12 -10.07 -0.13
CA TRP A 57 1.84 -10.95 -1.06
C TRP A 57 0.94 -12.06 -1.60
N ASP A 58 0.14 -12.69 -0.73
CA ASP A 58 -0.74 -13.76 -1.17
C ASP A 58 -1.87 -13.25 -2.05
N SER A 59 -2.18 -11.96 -1.99
CA SER A 59 -3.29 -11.38 -2.76
C SER A 59 -2.85 -10.98 -4.16
N LEU A 60 -1.58 -10.98 -4.43
CA LEU A 60 -1.11 -10.50 -5.74
C LEU A 60 -1.50 -11.48 -6.84
N PRO A 61 -2.17 -11.04 -7.90
CA PRO A 61 -2.42 -11.94 -9.02
C PRO A 61 -1.12 -12.39 -9.65
N ALA A 62 -1.22 -13.49 -10.41
CA ALA A 62 -0.05 -14.24 -10.85
C ALA A 62 0.93 -13.36 -11.64
N ALA A 63 0.41 -12.61 -12.60
CA ALA A 63 1.35 -11.79 -13.37
C ALA A 63 1.90 -10.63 -12.57
N HIS A 64 1.55 -10.52 -11.29
CA HIS A 64 2.06 -9.44 -10.45
C HIS A 64 2.72 -9.97 -9.18
N ARG A 65 3.18 -11.22 -9.18
CA ARG A 65 3.69 -11.85 -7.96
C ARG A 65 4.95 -12.61 -8.34
N PRO A 66 6.13 -11.97 -8.24
CA PRO A 66 6.41 -10.66 -7.63
C PRO A 66 6.00 -9.47 -8.50
N LEU A 67 5.89 -8.30 -7.88
CA LEU A 67 5.65 -7.06 -8.61
C LEU A 67 6.86 -6.79 -9.49
N PRO A 68 6.70 -6.72 -10.80
CA PRO A 68 7.87 -6.63 -11.69
C PRO A 68 8.55 -5.27 -11.61
N GLY A 69 9.88 -5.30 -11.72
CA GLY A 69 10.69 -4.09 -11.75
C GLY A 69 10.87 -3.44 -10.40
N ARG A 70 10.54 -4.14 -9.32
CA ARG A 70 10.64 -3.65 -7.97
C ARG A 70 11.22 -4.72 -7.08
N ARG A 71 11.95 -4.30 -6.06
CA ARG A 71 12.41 -5.19 -5.02
C ARG A 71 11.27 -5.46 -4.04
N ASN A 72 10.76 -6.69 -4.07
CA ASN A 72 9.64 -7.11 -3.24
C ASN A 72 10.19 -7.67 -1.93
N VAL A 73 9.65 -7.20 -0.83
CA VAL A 73 10.07 -7.57 0.51
C VAL A 73 8.79 -7.96 1.26
N VAL A 74 8.75 -9.16 1.81
CA VAL A 74 7.51 -9.69 2.41
C VAL A 74 7.75 -9.92 3.88
N VAL A 75 6.84 -9.39 4.70
CA VAL A 75 6.92 -9.51 6.15
C VAL A 75 6.01 -10.64 6.61
N THR A 76 6.57 -11.58 7.38
CA THR A 76 5.88 -12.77 7.86
C THR A 76 6.57 -13.21 9.14
N ARG A 77 5.82 -13.86 10.04
CA ARG A 77 6.44 -14.58 11.14
C ARG A 77 6.75 -16.03 10.82
N GLN A 78 6.42 -16.51 9.63
CA GLN A 78 6.72 -17.90 9.27
C GLN A 78 8.15 -17.93 8.74
N THR A 79 9.06 -18.43 9.55
CA THR A 79 10.47 -18.42 9.16
C THR A 79 10.69 -19.12 7.82
N GLY A 80 10.11 -20.30 7.63
CA GLY A 80 10.36 -21.06 6.41
C GLY A 80 9.54 -20.72 5.18
N LEU A 81 8.97 -19.53 5.13
CA LEU A 81 8.05 -19.21 4.05
C LEU A 81 8.76 -19.21 2.69
N VAL A 82 8.10 -19.82 1.72
CA VAL A 82 8.53 -19.85 0.32
C VAL A 82 7.87 -18.67 -0.40
N ALA A 83 8.68 -17.67 -0.85
CA ALA A 83 8.12 -16.53 -1.64
C ALA A 83 9.05 -16.22 -2.82
N HIS A 84 8.84 -16.96 -3.91
CA HIS A 84 9.71 -16.84 -5.06
C HIS A 84 9.61 -15.46 -5.68
N GLY A 85 10.74 -14.81 -5.87
CA GLY A 85 10.74 -13.48 -6.45
C GLY A 85 10.70 -12.38 -5.43
N ALA A 86 10.69 -12.72 -4.14
CA ALA A 86 10.63 -11.77 -3.05
C ALA A 86 11.67 -12.12 -1.99
N GLN A 87 12.03 -11.11 -1.21
CA GLN A 87 12.84 -11.27 -0.02
C GLN A 87 11.93 -11.39 1.20
N VAL A 88 12.11 -12.45 1.96
CA VAL A 88 11.31 -12.73 3.14
C VAL A 88 12.05 -12.20 4.35
N VAL A 89 11.36 -11.43 5.18
CA VAL A 89 11.93 -10.94 6.43
C VAL A 89 10.92 -11.16 7.55
N GLY A 90 11.41 -11.09 8.79
CA GLY A 90 10.62 -11.44 9.96
C GLY A 90 9.99 -10.32 10.72
N SER A 91 10.24 -9.06 10.35
CA SER A 91 9.60 -7.92 10.98
C SER A 91 9.62 -6.73 10.02
N LEU A 92 8.78 -5.74 10.32
CA LEU A 92 8.83 -4.50 9.55
C LEU A 92 10.19 -3.81 9.70
N GLU A 93 10.72 -3.79 10.93
CA GLU A 93 12.02 -3.15 11.15
C GLU A 93 13.11 -3.81 10.33
N GLN A 94 13.07 -5.14 10.19
CA GLN A 94 13.99 -5.81 9.27
C GLN A 94 13.79 -5.32 7.85
N ALA A 95 12.53 -5.28 7.40
CA ALA A 95 12.24 -4.79 6.06
C ALA A 95 12.80 -3.40 5.84
N LEU A 96 12.81 -2.58 6.88
CA LEU A 96 13.27 -1.19 6.73
C LEU A 96 14.76 -1.04 7.05
N SER A 97 15.48 -2.14 7.15
CA SER A 97 16.93 -2.14 7.44
CA SER A 97 16.93 -2.13 7.44
C SER A 97 17.63 -3.03 6.43
N PRO A 98 17.50 -2.71 5.14
CA PRO A 98 18.08 -3.56 4.11
C PRO A 98 19.59 -3.53 4.17
N ALA A 99 20.19 -4.65 3.79
CA ALA A 99 21.62 -4.68 3.59
C ALA A 99 22.01 -3.76 2.45
N GLU A 100 21.13 -3.62 1.47
CA GLU A 100 21.39 -2.83 0.28
C GLU A 100 20.40 -1.67 0.25
N PRO A 101 20.83 -0.45 0.60
CA PRO A 101 19.87 0.65 0.70
C PRO A 101 19.22 1.04 -0.63
N ASP A 102 17.96 1.49 -0.53
CA ASP A 102 17.20 2.07 -1.63
C ASP A 102 16.90 3.53 -1.31
N ALA A 103 16.99 4.38 -2.33
CA ALA A 103 16.62 5.78 -2.15
C ALA A 103 15.14 5.93 -1.78
N ALA A 104 14.30 4.97 -2.16
CA ALA A 104 12.88 5.05 -1.91
C ALA A 104 12.35 3.69 -1.51
N THR A 105 11.69 3.64 -0.36
CA THR A 105 11.02 2.43 0.08
C THR A 105 9.57 2.75 0.34
N TRP A 106 8.69 1.94 -0.26
CA TRP A 106 7.25 2.10 -0.18
C TRP A 106 6.67 0.90 0.57
N VAL A 107 5.92 1.17 1.62
CA VAL A 107 5.10 0.16 2.28
C VAL A 107 3.77 0.12 1.53
N ILE A 108 3.44 -1.04 0.96
CA ILE A 108 2.33 -1.13 0.01
C ILE A 108 1.16 -1.93 0.57
N GLY A 109 1.14 -2.21 1.86
CA GLY A 109 0.03 -2.87 2.53
C GLY A 109 0.46 -4.16 3.17
N GLY A 110 -0.46 -4.79 3.90
CA GLY A 110 -1.85 -4.36 4.04
C GLY A 110 -2.13 -3.56 5.30
N ALA A 111 -3.34 -3.72 5.83
CA ALA A 111 -3.76 -2.96 7.01
C ALA A 111 -2.87 -3.24 8.20
N GLN A 112 -2.50 -4.51 8.42
CA GLN A 112 -1.62 -4.81 9.55
C GLN A 112 -0.30 -4.08 9.42
N ILE A 113 0.33 -4.15 8.24
CA ILE A 113 1.66 -3.54 8.08
C ILE A 113 1.57 -2.01 8.07
N TYR A 114 0.50 -1.44 7.51
CA TYR A 114 0.39 0.02 7.52
C TYR A 114 0.40 0.54 8.94
N ALA A 115 -0.27 -0.17 9.86
CA ALA A 115 -0.34 0.31 11.23
C ALA A 115 1.03 0.32 11.88
N LEU A 116 1.85 -0.68 11.58
CA LEU A 116 3.21 -0.77 12.11
C LEU A 116 4.12 0.25 11.45
N ALA A 117 3.90 0.55 10.16
CA ALA A 117 4.81 1.41 9.41
C ALA A 117 4.51 2.88 9.59
N LEU A 118 3.26 3.24 9.85
CA LEU A 118 2.87 4.65 9.85
C LEU A 118 3.74 5.48 10.80
N PRO A 119 4.11 5.02 11.99
CA PRO A 119 4.97 5.83 12.87
C PRO A 119 6.37 5.99 12.34
N LEU A 120 6.79 5.15 11.42
CA LEU A 120 8.12 5.19 10.85
C LEU A 120 8.18 5.93 9.51
N ALA A 121 7.07 6.44 9.01
CA ALA A 121 7.01 6.96 7.67
C ALA A 121 7.02 8.48 7.68
N ASN A 122 7.42 9.07 6.54
CA ASN A 122 7.40 10.52 6.40
C ASN A 122 6.47 10.96 5.30
N ARG A 123 5.86 10.03 4.56
CA ARG A 123 5.03 10.36 3.42
C ARG A 123 3.94 9.30 3.27
N CYS A 124 2.73 9.73 2.96
CA CYS A 124 1.67 8.82 2.56
C CYS A 124 1.07 9.32 1.25
N GLU A 125 0.92 8.42 0.29
CA GLU A 125 0.27 8.72 -0.99
C GLU A 125 -1.01 7.92 -0.99
N VAL A 126 -2.14 8.61 -0.91
CA VAL A 126 -3.44 8.01 -0.65
C VAL A 126 -4.35 8.28 -1.84
N THR A 127 -4.95 7.24 -2.38
CA THR A 127 -6.01 7.38 -3.36
C THR A 127 -7.35 7.17 -2.69
N GLU A 128 -8.26 8.11 -2.90
CA GLU A 128 -9.59 8.08 -2.32
C GLU A 128 -10.57 7.71 -3.41
N VAL A 129 -11.39 6.69 -3.17
CA VAL A 129 -12.26 6.12 -4.20
C VAL A 129 -13.70 6.31 -3.73
N ASP A 130 -14.48 7.07 -4.50
CA ASP A 130 -15.88 7.33 -4.15
C ASP A 130 -16.69 6.13 -4.59
N VAL A 131 -16.63 5.09 -3.77
CA VAL A 131 -17.37 3.87 -4.00
C VAL A 131 -18.13 3.58 -2.72
N ASP A 132 -19.40 3.27 -2.83
CA ASP A 132 -20.23 2.99 -1.67
C ASP A 132 -19.92 1.58 -1.17
N LEU A 133 -19.22 1.50 -0.06
CA LEU A 133 -18.71 0.23 0.47
C LEU A 133 -18.85 0.29 1.97
N PRO A 134 -20.05 0.08 2.49
CA PRO A 134 -20.21 0.02 3.93
C PRO A 134 -19.37 -1.12 4.46
N PRO A 135 -18.53 -0.89 5.47
CA PRO A 135 -17.54 -1.91 5.83
C PRO A 135 -18.22 -3.18 6.31
N GLU A 136 -17.55 -4.30 6.07
CA GLU A 136 -18.00 -5.61 6.51
C GLU A 136 -16.98 -6.15 7.50
N ASP A 137 -17.42 -7.13 8.30
CA ASP A 137 -16.70 -7.51 9.51
C ASP A 137 -15.25 -7.89 9.26
N GLU A 138 -14.96 -8.52 8.12
CA GLU A 138 -13.61 -8.99 7.86
C GLU A 138 -12.79 -8.04 7.00
N ASP A 139 -13.28 -6.83 6.74
CA ASP A 139 -12.56 -5.93 5.84
C ASP A 139 -11.22 -5.51 6.42
N ALA A 140 -10.24 -5.36 5.54
CA ALA A 140 -9.04 -4.61 5.85
C ALA A 140 -9.33 -3.12 5.68
N LEU A 141 -8.94 -2.32 6.66
CA LEU A 141 -9.29 -0.90 6.71
C LEU A 141 -8.05 -0.02 6.64
N ALA A 142 -8.23 1.18 6.13
CA ALA A 142 -7.14 2.14 5.99
C ALA A 142 -6.62 2.60 7.34
N PRO A 143 -5.35 2.93 7.43
CA PRO A 143 -4.86 3.64 8.61
C PRO A 143 -5.51 5.02 8.68
N VAL A 144 -5.38 5.63 9.85
CA VAL A 144 -5.88 6.98 10.06
C VAL A 144 -4.70 7.89 10.31
N LEU A 145 -4.71 9.02 9.63
CA LEU A 145 -3.68 10.03 9.77
C LEU A 145 -4.13 11.04 10.80
N ASP A 146 -3.28 11.27 11.78
CA ASP A 146 -3.52 12.20 12.87
C ASP A 146 -2.89 13.55 12.56
N GLN A 147 -2.82 14.40 13.59
CA GLN A 147 -2.39 15.78 13.44
C GLN A 147 -0.91 15.92 13.12
N THR A 148 -0.12 14.85 13.24
CA THR A 148 1.29 14.92 12.86
C THR A 148 1.47 14.88 11.35
N TRP A 149 0.39 14.65 10.61
CA TRP A 149 0.39 14.57 9.15
C TRP A 149 -0.35 15.77 8.56
N ALA A 150 0.17 16.29 7.46
CA ALA A 150 -0.53 17.33 6.71
C ALA A 150 -0.45 16.97 5.24
N GLY A 151 -1.50 17.32 4.49
CA GLY A 151 -1.60 16.88 3.11
C GLY A 151 -2.13 17.93 2.15
N THR A 152 -2.07 17.55 0.88
CA THR A 152 -2.63 18.28 -0.25
C THR A 152 -3.42 17.28 -1.08
N SER A 153 -4.46 17.77 -1.75
CA SER A 153 -5.42 16.93 -2.47
C SER A 153 -5.48 17.32 -3.93
N GLY A 154 -5.48 16.32 -4.81
CA GLY A 154 -5.79 16.57 -6.20
C GLY A 154 -7.29 16.78 -6.38
N GLU A 155 -7.66 17.17 -7.59
CA GLU A 155 -9.08 17.34 -7.92
C GLU A 155 -9.76 15.98 -8.00
N TRP A 156 -11.06 15.99 -7.72
CA TRP A 156 -11.84 14.79 -7.95
C TRP A 156 -11.84 14.48 -9.44
N LEU A 157 -11.39 13.28 -9.80
CA LEU A 157 -11.39 12.78 -11.15
C LEU A 157 -12.40 11.64 -11.31
N VAL A 158 -12.76 11.36 -12.56
CA VAL A 158 -13.63 10.23 -12.90
C VAL A 158 -12.83 9.22 -13.71
N SER A 159 -12.86 7.97 -13.29
CA SER A 159 -12.17 6.94 -14.04
C SER A 159 -12.91 6.65 -15.34
N ARG A 160 -12.15 6.16 -16.33
CA ARG A 160 -12.74 5.60 -17.55
C ARG A 160 -13.74 4.50 -17.23
N SER A 161 -13.56 3.85 -16.08
CA SER A 161 -14.46 2.82 -15.60
C SER A 161 -15.66 3.36 -14.84
N GLY A 162 -15.69 4.66 -14.50
CA GLY A 162 -16.86 5.29 -13.93
C GLY A 162 -16.74 5.73 -12.49
N LEU A 163 -15.80 5.20 -11.71
CA LEU A 163 -15.67 5.60 -10.32
C LEU A 163 -15.04 6.98 -10.17
N ARG A 164 -15.57 7.79 -9.24
CA ARG A 164 -14.89 9.02 -8.84
C ARG A 164 -13.71 8.69 -7.91
N TYR A 165 -12.59 9.40 -8.09
CA TYR A 165 -11.41 9.16 -7.27
C TYR A 165 -10.56 10.43 -7.23
N ARG A 166 -9.64 10.47 -6.27
CA ARG A 166 -8.67 11.56 -6.21
C ARG A 166 -7.49 11.14 -5.35
N MET A 167 -6.37 11.79 -5.62
CA MET A 167 -5.11 11.46 -4.98
C MET A 167 -4.81 12.52 -3.93
N HIS A 168 -4.34 12.06 -2.78
CA HIS A 168 -3.90 12.91 -1.69
C HIS A 168 -2.44 12.60 -1.39
N SER A 169 -1.67 13.62 -1.07
CA SER A 169 -0.27 13.46 -0.71
CA SER A 169 -0.28 13.46 -0.70
C SER A 169 -0.08 14.07 0.67
N TYR A 170 0.31 13.24 1.62
CA TYR A 170 0.57 13.65 2.98
C TYR A 170 2.05 13.54 3.30
N ARG A 171 2.51 14.47 4.13
CA ARG A 171 3.87 14.50 4.59
C ARG A 171 3.87 14.77 6.08
N ARG A 172 4.75 14.08 6.79
CA ARG A 172 4.90 14.28 8.22
C ARG A 172 5.36 15.70 8.50
N LEU A 173 4.67 16.35 9.43
CA LEU A 173 5.01 17.71 9.86
C LEU A 173 6.30 17.80 10.68
#